data_2OEQ
#
_entry.id   2OEQ
#
_cell.length_a   43.901
_cell.length_b   54.353
_cell.length_c   59.629
_cell.angle_alpha   69.67
_cell.angle_beta   81.93
_cell.angle_gamma   72.57
#
_symmetry.space_group_name_H-M   'P 1'
#
loop_
_entity.id
_entity.type
_entity.pdbx_description
1 polymer 'Protein of unknown function, DUF964'
2 water water
#
_entity_poly.entity_id   1
_entity_poly.type   'polypeptide(L)'
_entity_poly.pdbx_seq_one_letter_code
;SNA(MSE)SEPLHALARQLEQAIRASEPFQQLKRAYEDVRRDETAYR(MSE)FANVRDIQLRLHEKQ(MSE)RGAAILPD
EIEQAQKA(MSE)ALAQQNEKLARL(MSE)ALEQQ(MSE)SITIAEVQQIA(MSE)KPLEELHRSF(MSE)EGR
;
_entity_poly.pdbx_strand_id   A,B,C,D
#
# COMPACT_ATOMS: atom_id res chain seq x y z
N GLU A 6 -8.01 -5.57 22.26
CA GLU A 6 -8.12 -6.35 23.53
C GLU A 6 -9.40 -7.18 23.49
N PRO A 7 -10.55 -6.52 23.31
CA PRO A 7 -11.86 -7.15 23.25
C PRO A 7 -12.10 -7.90 21.95
N LEU A 8 -11.53 -7.35 20.89
CA LEU A 8 -11.67 -7.90 19.56
C LEU A 8 -10.81 -9.11 19.28
N HIS A 9 -9.51 -9.00 19.54
CA HIS A 9 -8.57 -10.09 19.32
C HIS A 9 -9.16 -11.50 19.35
N ALA A 10 -9.77 -11.87 20.46
CA ALA A 10 -10.38 -13.19 20.60
C ALA A 10 -11.26 -13.57 19.41
N LEU A 11 -11.90 -12.59 18.79
CA LEU A 11 -12.78 -12.80 17.63
C LEU A 11 -11.89 -13.00 16.42
N ALA A 12 -10.73 -12.38 16.48
CA ALA A 12 -9.82 -12.49 15.40
C ALA A 12 -9.22 -13.89 15.35
N ARG A 13 -8.84 -14.42 16.52
CA ARG A 13 -8.26 -15.74 16.60
C ARG A 13 -9.32 -16.74 16.14
N GLN A 14 -10.56 -16.46 16.47
CA GLN A 14 -11.64 -17.33 16.05
C GLN A 14 -11.65 -17.36 14.50
N LEU A 15 -11.49 -16.18 13.88
CA LEU A 15 -11.51 -16.08 12.43
C LEU A 15 -10.32 -16.78 11.82
N GLU A 16 -9.16 -16.68 12.48
CA GLU A 16 -7.93 -17.32 11.98
C GLU A 16 -8.10 -18.84 11.95
N GLN A 17 -8.66 -19.35 13.04
CA GLN A 17 -8.92 -20.76 13.19
C GLN A 17 -9.90 -21.15 12.10
N ALA A 18 -11.04 -20.46 12.06
CA ALA A 18 -12.09 -20.73 11.06
C ALA A 18 -11.55 -20.75 9.64
N ILE A 19 -10.73 -19.77 9.34
CA ILE A 19 -10.16 -19.67 8.03
C ILE A 19 -9.36 -20.94 7.76
N ARG A 20 -8.29 -21.10 8.52
CA ARG A 20 -7.39 -22.23 8.39
C ARG A 20 -8.14 -23.57 8.30
N ALA A 21 -9.30 -23.67 8.90
CA ALA A 21 -10.02 -24.92 8.86
C ALA A 21 -11.00 -25.06 7.71
N SER A 22 -11.33 -23.96 7.05
CA SER A 22 -12.30 -23.96 5.95
C SER A 22 -11.87 -24.84 4.80
N GLU A 23 -12.84 -25.42 4.10
CA GLU A 23 -12.52 -26.29 2.97
C GLU A 23 -11.54 -25.65 1.98
N PRO A 24 -11.80 -24.40 1.60
CA PRO A 24 -10.94 -23.70 0.67
C PRO A 24 -9.46 -23.74 1.03
N PHE A 25 -9.16 -23.44 2.27
CA PHE A 25 -7.78 -23.41 2.70
C PHE A 25 -7.18 -24.81 2.70
N GLN A 26 -8.00 -25.80 3.04
CA GLN A 26 -7.53 -27.19 3.08
C GLN A 26 -7.14 -27.57 1.67
N GLN A 27 -8.08 -27.32 0.76
CA GLN A 27 -7.94 -27.54 -0.66
C GLN A 27 -6.54 -27.01 -1.03
N LEU A 28 -6.25 -25.75 -0.66
CA LEU A 28 -4.96 -25.10 -0.94
C LEU A 28 -3.83 -25.95 -0.37
N LYS A 29 -3.91 -26.28 0.93
CA LYS A 29 -2.91 -27.14 1.53
C LYS A 29 -2.82 -28.45 0.69
N ARG A 30 -3.92 -29.15 0.52
CA ARG A 30 -3.84 -30.34 -0.28
C ARG A 30 -3.06 -30.09 -1.57
N ALA A 31 -3.25 -28.92 -2.18
CA ALA A 31 -2.54 -28.61 -3.45
C ALA A 31 -1.06 -28.36 -3.25
N TYR A 32 -0.68 -27.74 -2.13
CA TYR A 32 0.72 -27.52 -1.93
C TYR A 32 1.35 -28.88 -1.89
N GLU A 33 0.73 -29.79 -1.12
CA GLU A 33 1.23 -31.16 -0.99
C GLU A 33 1.35 -31.83 -2.35
N ASP A 34 0.28 -31.86 -3.13
CA ASP A 34 0.34 -32.47 -4.45
C ASP A 34 1.64 -32.11 -5.14
N VAL A 35 1.99 -30.82 -5.14
CA VAL A 35 3.20 -30.36 -5.79
C VAL A 35 4.43 -30.81 -5.03
N ARG A 36 4.50 -30.54 -3.73
CA ARG A 36 5.66 -30.94 -2.94
C ARG A 36 6.01 -32.43 -3.14
N ARG A 37 4.99 -33.28 -3.29
CA ARG A 37 5.19 -34.73 -3.45
C ARG A 37 5.55 -35.20 -4.86
N ASP A 38 5.44 -34.34 -5.87
CA ASP A 38 5.74 -34.76 -7.24
C ASP A 38 7.09 -34.24 -7.69
N GLU A 39 8.11 -35.10 -7.68
CA GLU A 39 9.45 -34.69 -8.07
C GLU A 39 9.42 -33.66 -9.20
N THR A 40 8.72 -34.01 -10.28
CA THR A 40 8.60 -33.15 -11.46
C THR A 40 8.13 -31.73 -11.13
N ALA A 41 6.92 -31.63 -10.60
CA ALA A 41 6.30 -30.35 -10.25
C ALA A 41 7.01 -29.50 -9.19
N TYR A 42 7.49 -30.13 -8.13
CA TYR A 42 8.16 -29.40 -7.07
C TYR A 42 9.48 -28.85 -7.57
N ARG A 43 9.75 -29.06 -8.86
CA ARG A 43 10.98 -28.56 -9.47
C ARG A 43 10.53 -27.21 -9.99
N MSE A 44 9.70 -27.23 -11.04
CA MSE A 44 9.18 -26.02 -11.66
C MSE A 44 8.83 -24.97 -10.59
O MSE A 44 9.29 -23.83 -10.66
CB MSE A 44 7.95 -26.36 -12.51
CG MSE A 44 8.23 -27.27 -13.70
SE MSE A 44 7.13 -26.76 -15.23
CE MSE A 44 6.51 -28.47 -15.89
N PHE A 45 8.04 -25.37 -9.59
CA PHE A 45 7.65 -24.49 -8.51
C PHE A 45 8.85 -23.78 -7.92
N ALA A 46 9.82 -24.56 -7.46
CA ALA A 46 10.99 -23.94 -6.86
C ALA A 46 11.67 -22.99 -7.83
N ASN A 47 11.63 -23.33 -9.12
CA ASN A 47 12.27 -22.48 -10.13
C ASN A 47 11.61 -21.11 -10.15
N VAL A 48 10.29 -21.10 -10.36
CA VAL A 48 9.52 -19.88 -10.38
C VAL A 48 9.81 -19.13 -9.11
N ARG A 49 9.59 -19.81 -7.98
CA ARG A 49 9.86 -19.26 -6.66
C ARG A 49 11.21 -18.54 -6.54
N ASP A 50 12.23 -19.16 -7.08
CA ASP A 50 13.55 -18.58 -6.97
C ASP A 50 13.70 -17.35 -7.85
N ILE A 51 13.19 -17.39 -9.08
CA ILE A 51 13.34 -16.22 -9.94
C ILE A 51 12.47 -15.10 -9.35
N GLN A 52 11.35 -15.47 -8.73
CA GLN A 52 10.47 -14.46 -8.13
C GLN A 52 11.10 -13.76 -6.94
N LEU A 53 11.70 -14.53 -6.06
CA LEU A 53 12.35 -13.96 -4.89
C LEU A 53 13.53 -13.13 -5.36
N ARG A 54 14.23 -13.60 -6.37
CA ARG A 54 15.39 -12.89 -6.90
C ARG A 54 14.98 -11.52 -7.41
N LEU A 55 13.81 -11.42 -8.03
CA LEU A 55 13.35 -10.12 -8.53
C LEU A 55 12.94 -9.23 -7.36
N HIS A 56 12.10 -9.79 -6.49
CA HIS A 56 11.60 -9.04 -5.36
C HIS A 56 12.75 -8.36 -4.67
N GLU A 57 13.82 -9.13 -4.47
CA GLU A 57 15.00 -8.62 -3.79
C GLU A 57 15.67 -7.46 -4.47
N LYS A 58 15.97 -7.63 -5.77
CA LYS A 58 16.61 -6.58 -6.54
C LYS A 58 15.77 -5.32 -6.38
N GLN A 59 14.46 -5.52 -6.39
CA GLN A 59 13.55 -4.42 -6.24
C GLN A 59 13.60 -3.77 -4.85
N MSE A 60 13.73 -4.56 -3.80
CA MSE A 60 13.76 -3.97 -2.46
C MSE A 60 14.99 -3.13 -2.32
O MSE A 60 15.02 -2.23 -1.49
CB MSE A 60 13.71 -5.05 -1.38
CG MSE A 60 12.32 -5.62 -1.18
SE MSE A 60 10.95 -4.26 -0.88
CE MSE A 60 10.36 -3.96 -2.70
N ARG A 61 16.01 -3.39 -3.11
CA ARG A 61 17.18 -2.55 -3.03
C ARG A 61 17.26 -1.59 -4.24
N GLY A 62 16.12 -1.47 -4.93
CA GLY A 62 15.97 -0.59 -6.09
C GLY A 62 16.85 -0.85 -7.30
N ALA A 63 17.50 -1.98 -7.32
CA ALA A 63 18.39 -2.34 -8.42
C ALA A 63 17.65 -2.35 -9.75
N ALA A 64 18.43 -2.20 -10.80
CA ALA A 64 17.91 -2.24 -12.15
C ALA A 64 17.52 -3.68 -12.52
N ILE A 65 16.52 -3.82 -13.36
CA ILE A 65 16.05 -5.12 -13.79
C ILE A 65 15.75 -5.03 -15.27
N LEU A 66 16.72 -5.33 -16.13
CA LEU A 66 16.46 -5.20 -17.55
C LEU A 66 15.44 -6.23 -17.99
N PRO A 67 14.71 -5.97 -19.09
CA PRO A 67 13.67 -6.83 -19.67
C PRO A 67 14.02 -8.29 -19.81
N ASP A 68 15.31 -8.57 -19.96
CA ASP A 68 15.85 -9.92 -20.04
C ASP A 68 15.09 -10.66 -18.96
N GLU A 69 15.44 -10.29 -17.72
CA GLU A 69 14.89 -10.83 -16.49
C GLU A 69 13.39 -11.00 -16.47
N ILE A 70 12.63 -9.93 -16.56
CA ILE A 70 11.23 -10.21 -16.45
C ILE A 70 10.71 -11.08 -17.59
N GLU A 71 11.44 -11.14 -18.71
CA GLU A 71 11.03 -12.00 -19.82
C GLU A 71 11.15 -13.48 -19.35
N GLN A 72 12.32 -13.84 -18.80
CA GLN A 72 12.50 -15.20 -18.30
C GLN A 72 11.43 -15.49 -17.27
N ALA A 73 11.32 -14.58 -16.33
CA ALA A 73 10.31 -14.65 -15.28
C ALA A 73 8.99 -15.10 -15.86
N GLN A 74 8.46 -14.29 -16.77
CA GLN A 74 7.18 -14.59 -17.41
C GLN A 74 7.21 -15.89 -18.20
N LYS A 75 8.38 -16.24 -18.72
CA LYS A 75 8.51 -17.47 -19.49
C LYS A 75 8.22 -18.60 -18.52
N ALA A 76 9.09 -18.71 -17.54
CA ALA A 76 8.98 -19.72 -16.51
C ALA A 76 7.56 -19.82 -15.95
N MSE A 77 6.87 -18.70 -15.85
CA MSE A 77 5.52 -18.72 -15.30
C MSE A 77 4.52 -19.41 -16.20
O MSE A 77 3.63 -20.09 -15.70
CB MSE A 77 5.03 -17.31 -15.04
CG MSE A 77 3.88 -17.30 -14.07
SE MSE A 77 4.61 -17.59 -12.34
CE MSE A 77 5.05 -15.75 -11.99
N ALA A 78 4.61 -19.23 -17.51
CA ALA A 78 3.66 -19.93 -18.37
C ALA A 78 4.04 -21.42 -18.37
N LEU A 79 5.35 -21.72 -18.34
CA LEU A 79 5.81 -23.11 -18.28
C LEU A 79 5.24 -23.71 -17.00
N ALA A 80 5.09 -22.86 -15.99
CA ALA A 80 4.53 -23.26 -14.71
C ALA A 80 3.07 -23.63 -14.93
N GLN A 81 2.27 -22.66 -15.37
CA GLN A 81 0.86 -22.90 -15.63
C GLN A 81 0.71 -24.04 -16.64
N GLN A 82 1.81 -24.77 -16.89
CA GLN A 82 1.85 -25.89 -17.85
C GLN A 82 1.57 -27.25 -17.19
N ASN A 83 2.27 -27.51 -16.09
CA ASN A 83 2.13 -28.76 -15.34
C ASN A 83 0.87 -28.71 -14.45
N GLU A 84 -0.03 -29.68 -14.66
CA GLU A 84 -1.31 -29.83 -13.96
C GLU A 84 -1.35 -29.49 -12.47
N LYS A 85 -0.45 -30.12 -11.71
CA LYS A 85 -0.39 -29.93 -10.27
C LYS A 85 0.07 -28.55 -9.86
N LEU A 86 1.05 -27.99 -10.57
CA LEU A 86 1.55 -26.66 -10.23
C LEU A 86 0.50 -25.63 -10.59
N ALA A 87 -0.33 -25.95 -11.56
CA ALA A 87 -1.35 -25.02 -11.98
C ALA A 87 -2.42 -24.77 -10.94
N ARG A 88 -3.01 -25.84 -10.39
CA ARG A 88 -4.04 -25.61 -9.42
C ARG A 88 -3.49 -24.90 -8.19
N LEU A 89 -2.24 -25.16 -7.85
CA LEU A 89 -1.64 -24.51 -6.69
C LEU A 89 -1.67 -23.02 -6.93
N MSE A 90 -1.08 -22.57 -8.05
CA MSE A 90 -1.08 -21.15 -8.41
C MSE A 90 -2.52 -20.67 -8.46
O MSE A 90 -2.89 -19.67 -7.86
CB MSE A 90 -0.44 -20.94 -9.77
CG MSE A 90 0.96 -21.40 -9.78
SE MSE A 90 1.76 -21.25 -11.49
CE MSE A 90 3.23 -20.18 -10.92
N ALA A 91 -3.37 -21.40 -9.14
CA ALA A 91 -4.74 -20.97 -9.19
C ALA A 91 -5.31 -20.80 -7.79
N LEU A 92 -5.21 -21.82 -6.94
CA LEU A 92 -5.77 -21.72 -5.59
C LEU A 92 -5.08 -20.69 -4.73
N GLU A 93 -3.78 -20.57 -4.88
CA GLU A 93 -3.06 -19.59 -4.09
C GLU A 93 -3.57 -18.14 -4.40
N GLN A 94 -3.80 -17.81 -5.68
CA GLN A 94 -4.29 -16.48 -6.03
C GLN A 94 -5.70 -16.27 -5.49
N GLN A 95 -6.54 -17.28 -5.64
CA GLN A 95 -7.90 -17.14 -5.15
C GLN A 95 -7.88 -17.01 -3.61
N MSE A 96 -6.88 -17.57 -2.96
CA MSE A 96 -6.83 -17.47 -1.49
C MSE A 96 -6.31 -16.10 -1.23
O MSE A 96 -6.84 -15.38 -0.40
CB MSE A 96 -5.90 -18.55 -0.89
CG MSE A 96 -5.84 -18.56 0.64
SE MSE A 96 -7.55 -18.52 1.48
CE MSE A 96 -8.28 -20.21 0.91
N SER A 97 -5.27 -15.74 -1.94
CA SER A 97 -4.67 -14.44 -1.83
C SER A 97 -5.69 -13.30 -2.07
N ILE A 98 -6.48 -13.33 -3.15
CA ILE A 98 -7.38 -12.20 -3.23
C ILE A 98 -8.58 -12.33 -2.29
N THR A 99 -8.98 -13.55 -1.93
CA THR A 99 -10.13 -13.72 -1.06
C THR A 99 -9.85 -13.24 0.34
N ILE A 100 -8.68 -13.51 0.89
CA ILE A 100 -8.50 -13.03 2.23
C ILE A 100 -8.30 -11.54 2.18
N ALA A 101 -7.90 -11.05 1.03
CA ALA A 101 -7.69 -9.61 0.84
C ALA A 101 -9.04 -8.96 0.96
N GLU A 102 -10.06 -9.66 0.54
CA GLU A 102 -11.39 -9.12 0.65
C GLU A 102 -11.90 -9.21 2.07
N VAL A 103 -11.49 -10.25 2.80
CA VAL A 103 -11.93 -10.45 4.17
C VAL A 103 -11.50 -9.23 4.90
N GLN A 104 -10.21 -8.92 4.77
CA GLN A 104 -9.62 -7.73 5.39
C GLN A 104 -10.41 -6.42 5.08
N GLN A 105 -10.86 -6.26 3.83
CA GLN A 105 -11.61 -5.07 3.46
C GLN A 105 -12.92 -5.05 4.23
N ILE A 106 -13.59 -6.19 4.32
CA ILE A 106 -14.85 -6.31 5.05
C ILE A 106 -14.72 -5.97 6.54
N ALA A 107 -13.54 -6.21 7.12
CA ALA A 107 -13.38 -5.94 8.53
C ALA A 107 -13.24 -4.46 8.78
N MSE A 108 -12.70 -3.76 7.78
CA MSE A 108 -12.54 -2.32 7.86
C MSE A 108 -13.89 -1.63 7.66
O MSE A 108 -14.04 -0.46 7.95
CB MSE A 108 -11.52 -1.84 6.83
CG MSE A 108 -11.15 -0.38 7.00
SE MSE A 108 -10.75 0.08 8.85
CE MSE A 108 -8.82 0.25 8.73
N LYS A 109 -14.88 -2.39 7.19
CA LYS A 109 -16.19 -1.84 6.93
C LYS A 109 -16.77 -1.05 8.07
N PRO A 110 -16.99 -1.68 9.22
CA PRO A 110 -17.57 -0.93 10.35
C PRO A 110 -17.00 0.50 10.56
N LEU A 111 -15.70 0.63 10.31
CA LEU A 111 -15.07 1.89 10.52
C LEU A 111 -15.40 2.83 9.41
N GLU A 112 -15.56 2.32 8.20
CA GLU A 112 -15.93 3.16 7.08
C GLU A 112 -17.36 3.60 7.36
N GLU A 113 -18.16 2.70 7.92
CA GLU A 113 -19.54 3.05 8.27
C GLU A 113 -19.55 4.27 9.17
N LEU A 114 -18.75 4.23 10.21
CA LEU A 114 -18.69 5.33 11.13
C LEU A 114 -18.33 6.64 10.43
N HIS A 115 -17.34 6.60 9.56
CA HIS A 115 -16.93 7.79 8.84
C HIS A 115 -18.07 8.36 8.03
N ARG A 116 -18.72 7.50 7.24
CA ARG A 116 -19.84 7.95 6.44
C ARG A 116 -20.69 8.84 7.32
N SER A 117 -21.07 8.31 8.47
CA SER A 117 -21.91 9.04 9.40
C SER A 117 -21.54 10.47 9.62
N PHE A 118 -20.30 10.85 9.38
CA PHE A 118 -19.94 12.25 9.55
C PHE A 118 -19.34 12.88 8.28
N GLU B 6 5.09 25.65 -6.11
CA GLU B 6 5.82 24.38 -5.82
C GLU B 6 7.25 24.36 -6.37
N PRO B 7 8.25 24.25 -5.48
CA PRO B 7 9.68 24.21 -5.78
C PRO B 7 10.19 23.03 -6.62
N LEU B 8 9.80 21.83 -6.22
CA LEU B 8 10.22 20.66 -6.95
C LEU B 8 9.30 20.30 -8.08
N HIS B 9 8.19 21.03 -8.23
CA HIS B 9 7.26 20.73 -9.31
C HIS B 9 7.96 20.81 -10.66
N ALA B 10 8.67 21.91 -10.87
CA ALA B 10 9.39 22.08 -12.11
C ALA B 10 10.20 20.80 -12.35
N LEU B 11 11.03 20.46 -11.38
CA LEU B 11 11.85 19.27 -11.45
C LEU B 11 11.03 18.07 -11.85
N ALA B 12 9.86 17.93 -11.25
CA ALA B 12 8.97 16.82 -11.54
C ALA B 12 8.65 16.70 -13.03
N ARG B 13 8.09 17.75 -13.61
CA ARG B 13 7.76 17.67 -15.00
C ARG B 13 8.96 17.26 -15.82
N GLN B 14 10.15 17.75 -15.48
CA GLN B 14 11.31 17.34 -16.26
C GLN B 14 11.48 15.83 -16.21
N LEU B 15 11.31 15.22 -15.04
CA LEU B 15 11.47 13.79 -14.89
C LEU B 15 10.49 13.07 -15.80
N GLU B 16 9.24 13.56 -15.83
CA GLU B 16 8.17 13.01 -16.68
C GLU B 16 8.59 13.04 -18.16
N GLN B 17 9.06 14.19 -18.60
CA GLN B 17 9.48 14.36 -19.97
C GLN B 17 10.52 13.29 -20.27
N ALA B 18 11.58 13.23 -19.47
CA ALA B 18 12.66 12.25 -19.66
C ALA B 18 12.13 10.82 -19.67
N ILE B 19 11.23 10.56 -18.74
CA ILE B 19 10.68 9.24 -18.63
C ILE B 19 9.98 8.86 -19.89
N ARG B 20 8.98 9.63 -20.32
CA ARG B 20 8.32 9.20 -21.53
C ARG B 20 9.26 9.27 -22.74
N ALA B 21 10.20 10.20 -22.75
CA ALA B 21 11.12 10.32 -23.88
C ALA B 21 12.15 9.23 -23.99
N SER B 22 12.40 8.54 -22.90
CA SER B 22 13.43 7.50 -22.83
C SER B 22 13.33 6.29 -23.73
N GLU B 23 14.49 5.76 -24.11
CA GLU B 23 14.53 4.57 -24.96
C GLU B 23 13.60 3.45 -24.47
N PRO B 24 13.66 3.11 -23.18
CA PRO B 24 12.79 2.05 -22.73
C PRO B 24 11.33 2.40 -22.84
N PHE B 25 10.95 3.63 -22.50
CA PHE B 25 9.55 3.99 -22.60
C PHE B 25 9.11 3.93 -24.06
N GLN B 26 10.00 4.30 -24.96
CA GLN B 26 9.72 4.26 -26.39
C GLN B 26 9.51 2.84 -26.92
N GLN B 27 10.30 1.88 -26.47
CA GLN B 27 10.13 0.50 -26.92
C GLN B 27 8.88 -0.10 -26.33
N LEU B 28 8.48 0.35 -25.16
CA LEU B 28 7.27 -0.16 -24.56
C LEU B 28 6.21 0.32 -25.54
N LYS B 29 6.27 1.58 -25.96
CA LYS B 29 5.31 2.10 -26.92
C LYS B 29 5.32 1.22 -28.20
N ARG B 30 6.52 0.98 -28.74
CA ARG B 30 6.70 0.16 -29.93
C ARG B 30 5.96 -1.17 -29.79
N ALA B 31 6.26 -1.86 -28.69
CA ALA B 31 5.67 -3.15 -28.41
C ALA B 31 4.17 -3.07 -28.35
N TYR B 32 3.66 -1.98 -27.83
CA TYR B 32 2.22 -1.87 -27.73
C TYR B 32 1.67 -1.70 -29.13
N GLU B 33 2.44 -1.01 -29.97
CA GLU B 33 2.06 -0.77 -31.37
C GLU B 33 1.99 -2.06 -32.17
N ASP B 34 3.00 -2.92 -32.04
CA ASP B 34 2.95 -4.14 -32.79
C ASP B 34 1.82 -5.08 -32.40
N VAL B 35 1.16 -4.85 -31.27
CA VAL B 35 0.06 -5.74 -30.87
C VAL B 35 -1.22 -5.12 -31.38
N ARG B 36 -1.32 -3.79 -31.27
CA ARG B 36 -2.49 -3.04 -31.73
C ARG B 36 -2.71 -3.25 -33.21
N ARG B 37 -1.62 -3.50 -33.93
CA ARG B 37 -1.71 -3.70 -35.35
C ARG B 37 -1.54 -5.16 -35.81
N ASP B 38 -1.63 -6.10 -34.88
CA ASP B 38 -1.56 -7.51 -35.25
C ASP B 38 -2.82 -8.20 -34.74
N GLU B 39 -3.66 -8.64 -35.68
CA GLU B 39 -4.93 -9.28 -35.36
C GLU B 39 -4.93 -10.35 -34.30
N THR B 40 -4.04 -11.32 -34.42
CA THR B 40 -3.96 -12.39 -33.45
C THR B 40 -3.71 -11.85 -32.02
N ALA B 41 -2.60 -11.16 -31.84
CA ALA B 41 -2.25 -10.60 -30.54
C ALA B 41 -3.24 -9.58 -29.96
N TYR B 42 -3.77 -8.69 -30.81
CA TYR B 42 -4.70 -7.71 -30.29
C TYR B 42 -5.97 -8.39 -29.88
N ARG B 43 -6.25 -9.56 -30.46
CA ARG B 43 -7.46 -10.28 -30.08
C ARG B 43 -7.20 -10.86 -28.71
N MSE B 44 -6.04 -11.49 -28.57
CA MSE B 44 -5.63 -12.10 -27.32
C MSE B 44 -5.54 -11.01 -26.26
O MSE B 44 -6.11 -11.14 -25.17
CB MSE B 44 -4.29 -12.79 -27.48
CG MSE B 44 -4.32 -13.95 -28.42
SE MSE B 44 -2.90 -15.20 -28.01
CE MSE B 44 -3.78 -16.11 -26.56
N PHE B 45 -4.81 -9.93 -26.58
CA PHE B 45 -4.64 -8.81 -25.66
C PHE B 45 -5.97 -8.24 -25.20
N ALA B 46 -6.88 -8.02 -26.11
CA ALA B 46 -8.14 -7.48 -25.66
C ALA B 46 -8.74 -8.42 -24.61
N ASN B 47 -8.81 -9.70 -24.99
CA ASN B 47 -9.35 -10.74 -24.14
C ASN B 47 -8.73 -10.78 -22.75
N VAL B 48 -7.43 -11.02 -22.63
CA VAL B 48 -6.88 -11.05 -21.29
C VAL B 48 -7.07 -9.73 -20.55
N ARG B 49 -6.96 -8.62 -21.27
CA ARG B 49 -7.12 -7.32 -20.64
C ARG B 49 -8.50 -7.17 -20.01
N ASP B 50 -9.49 -7.80 -20.61
CA ASP B 50 -10.84 -7.70 -20.06
C ASP B 50 -11.03 -8.65 -18.89
N ILE B 51 -10.44 -9.83 -18.96
CA ILE B 51 -10.56 -10.79 -17.88
C ILE B 51 -10.02 -10.11 -16.63
N GLN B 52 -8.82 -9.54 -16.78
CA GLN B 52 -8.13 -8.84 -15.71
C GLN B 52 -8.85 -7.55 -15.28
N LEU B 53 -9.62 -6.98 -16.19
CA LEU B 53 -10.32 -5.76 -15.87
C LEU B 53 -11.49 -6.13 -14.98
N ARG B 54 -12.15 -7.21 -15.36
CA ARG B 54 -13.33 -7.74 -14.66
C ARG B 54 -12.97 -8.25 -13.24
N LEU B 55 -11.95 -9.11 -13.14
CA LEU B 55 -11.52 -9.62 -11.84
C LEU B 55 -11.33 -8.43 -10.91
N HIS B 56 -10.52 -7.47 -11.33
CA HIS B 56 -10.29 -6.30 -10.52
C HIS B 56 -11.59 -5.56 -10.17
N GLU B 57 -12.60 -5.63 -11.02
CA GLU B 57 -13.83 -4.96 -10.70
C GLU B 57 -14.47 -5.73 -9.57
N LYS B 58 -14.52 -7.05 -9.70
CA LYS B 58 -15.10 -7.93 -8.68
C LYS B 58 -14.46 -7.80 -7.31
N GLN B 59 -13.16 -7.56 -7.25
CA GLN B 59 -12.52 -7.44 -5.97
C GLN B 59 -12.78 -6.13 -5.26
N MSE B 60 -12.92 -5.05 -6.02
CA MSE B 60 -13.23 -3.73 -5.48
C MSE B 60 -14.58 -3.89 -4.85
O MSE B 60 -14.80 -3.54 -3.70
CB MSE B 60 -13.36 -2.73 -6.62
CG MSE B 60 -12.08 -2.46 -7.29
SE MSE B 60 -10.99 -1.70 -5.96
CE MSE B 60 -11.62 0.14 -6.17
N ARG B 61 -15.48 -4.46 -5.61
CA ARG B 61 -16.84 -4.69 -5.16
C ARG B 61 -16.87 -5.78 -4.10
N GLY B 62 -15.71 -6.35 -3.81
CA GLY B 62 -15.62 -7.39 -2.81
C GLY B 62 -16.38 -8.68 -3.13
N ALA B 63 -16.81 -8.81 -4.38
CA ALA B 63 -17.52 -9.99 -4.82
C ALA B 63 -16.66 -11.25 -4.71
N ALA B 64 -17.31 -12.39 -4.58
CA ALA B 64 -16.57 -13.63 -4.51
C ALA B 64 -15.94 -13.92 -5.86
N ILE B 65 -14.90 -14.73 -5.84
CA ILE B 65 -14.21 -15.08 -7.04
C ILE B 65 -13.79 -16.55 -6.97
N LEU B 66 -14.63 -17.45 -7.47
CA LEU B 66 -14.31 -18.87 -7.42
C LEU B 66 -13.02 -19.18 -8.19
N PRO B 67 -12.42 -20.38 -7.97
CA PRO B 67 -11.20 -20.77 -8.68
C PRO B 67 -11.37 -20.86 -10.17
N ASP B 68 -12.60 -21.10 -10.63
CA ASP B 68 -12.91 -21.13 -12.07
C ASP B 68 -12.19 -19.94 -12.72
N GLU B 69 -12.71 -18.74 -12.45
CA GLU B 69 -12.16 -17.52 -12.98
C GLU B 69 -10.69 -17.57 -12.85
N ILE B 70 -10.19 -17.77 -11.64
CA ILE B 70 -8.74 -17.76 -11.50
C ILE B 70 -7.99 -18.76 -12.35
N GLU B 71 -8.57 -19.95 -12.54
CA GLU B 71 -7.97 -20.97 -13.41
C GLU B 71 -8.10 -20.48 -14.86
N GLN B 72 -9.34 -20.33 -15.32
CA GLN B 72 -9.63 -19.87 -16.66
C GLN B 72 -8.82 -18.62 -17.00
N ALA B 73 -8.57 -17.79 -15.99
CA ALA B 73 -7.83 -16.58 -16.25
C ALA B 73 -6.37 -16.88 -16.48
N GLN B 74 -5.77 -17.66 -15.59
CA GLN B 74 -4.36 -17.98 -15.75
C GLN B 74 -4.09 -18.81 -17.00
N LYS B 75 -5.12 -19.55 -17.45
CA LYS B 75 -5.06 -20.38 -18.66
C LYS B 75 -4.68 -19.40 -19.79
N ALA B 76 -5.47 -18.32 -19.89
CA ALA B 76 -5.29 -17.25 -20.86
C ALA B 76 -3.97 -16.54 -20.72
N MSE B 77 -3.68 -16.00 -19.55
CA MSE B 77 -2.39 -15.31 -19.36
C MSE B 77 -1.28 -16.21 -19.88
O MSE B 77 -0.25 -15.72 -20.36
CB MSE B 77 -2.12 -15.01 -17.88
CG MSE B 77 -2.94 -13.88 -17.27
SE MSE B 77 -2.73 -12.20 -18.20
CE MSE B 77 -1.02 -11.65 -17.50
N ALA B 78 -1.48 -17.52 -19.78
CA ALA B 78 -0.49 -18.49 -20.25
C ALA B 78 -0.48 -18.62 -21.77
N LEU B 79 -1.67 -18.60 -22.36
CA LEU B 79 -1.80 -18.69 -23.80
C LEU B 79 -1.11 -17.45 -24.36
N ALA B 80 -1.35 -16.31 -23.72
CA ALA B 80 -0.77 -15.04 -24.14
C ALA B 80 0.74 -15.04 -24.12
N GLN B 81 1.34 -15.62 -23.10
CA GLN B 81 2.80 -15.63 -23.05
C GLN B 81 3.34 -16.40 -24.26
N GLN B 82 2.46 -17.14 -24.91
CA GLN B 82 2.87 -17.92 -26.07
C GLN B 82 2.98 -17.09 -27.35
N ASN B 83 2.33 -15.93 -27.36
CA ASN B 83 2.37 -15.04 -28.52
C ASN B 83 3.52 -14.03 -28.38
N GLU B 84 4.59 -14.23 -29.16
CA GLU B 84 5.76 -13.35 -29.12
C GLU B 84 5.42 -11.89 -29.03
N LYS B 85 4.51 -11.43 -29.88
CA LYS B 85 4.14 -10.04 -29.89
C LYS B 85 3.69 -9.57 -28.51
N LEU B 86 2.62 -10.20 -28.03
CA LEU B 86 1.99 -9.90 -26.76
C LEU B 86 2.84 -10.25 -25.55
N ALA B 87 3.80 -11.14 -25.75
CA ALA B 87 4.69 -11.60 -24.69
C ALA B 87 5.70 -10.54 -24.36
N ARG B 88 6.00 -9.74 -25.38
CA ARG B 88 6.95 -8.67 -25.31
C ARG B 88 6.22 -7.52 -24.64
N LEU B 89 5.00 -7.26 -25.10
CA LEU B 89 4.20 -6.18 -24.51
C LEU B 89 4.14 -6.45 -23.02
N MSE B 90 3.70 -7.64 -22.67
CA MSE B 90 3.59 -7.99 -21.28
C MSE B 90 4.90 -7.76 -20.59
O MSE B 90 5.00 -6.93 -19.71
CB MSE B 90 3.08 -9.43 -21.10
CG MSE B 90 1.60 -9.55 -21.40
SE MSE B 90 0.79 -11.28 -21.13
CE MSE B 90 1.47 -12.22 -22.66
N ALA B 91 5.95 -8.45 -20.99
CA ALA B 91 7.19 -8.24 -20.28
C ALA B 91 7.64 -6.77 -20.19
N LEU B 92 7.44 -5.96 -21.22
CA LEU B 92 7.93 -4.58 -21.12
C LEU B 92 7.07 -3.72 -20.19
N GLU B 93 5.81 -4.04 -20.16
CA GLU B 93 4.85 -3.33 -19.35
C GLU B 93 5.19 -3.60 -17.89
N GLN B 94 5.72 -4.78 -17.62
CA GLN B 94 6.05 -5.12 -16.26
C GLN B 94 7.37 -4.50 -15.92
N GLN B 95 8.33 -4.62 -16.79
CA GLN B 95 9.59 -4.07 -16.43
C GLN B 95 9.44 -2.56 -16.17
N MSE B 96 8.66 -1.87 -16.99
CA MSE B 96 8.45 -0.44 -16.83
C MSE B 96 7.73 -0.19 -15.51
O MSE B 96 8.07 0.72 -14.75
CB MSE B 96 7.65 0.12 -18.02
CG MSE B 96 7.41 1.62 -17.98
SE MSE B 96 9.06 2.56 -17.94
CE MSE B 96 9.81 2.00 -19.61
N SER B 97 6.71 -0.99 -15.23
CA SER B 97 5.99 -0.90 -14.00
C SER B 97 6.95 -0.99 -12.78
N ILE B 98 7.69 -2.09 -12.64
CA ILE B 98 8.64 -2.22 -11.56
C ILE B 98 9.58 -1.00 -11.51
N THR B 99 10.27 -0.76 -12.60
CA THR B 99 11.20 0.35 -12.65
C THR B 99 10.67 1.73 -12.23
N ILE B 100 9.41 2.02 -12.51
CA ILE B 100 8.86 3.32 -12.15
C ILE B 100 8.74 3.37 -10.67
N ALA B 101 8.28 2.26 -10.11
CA ALA B 101 8.12 2.11 -8.68
C ALA B 101 9.46 2.30 -8.02
N GLU B 102 10.52 1.84 -8.65
CA GLU B 102 11.83 2.02 -8.09
C GLU B 102 12.18 3.48 -8.12
N VAL B 103 11.68 4.20 -9.11
CA VAL B 103 12.01 5.61 -9.24
C VAL B 103 11.30 6.35 -8.15
N GLN B 104 10.07 5.95 -7.91
CA GLN B 104 9.33 6.56 -6.84
C GLN B 104 10.05 6.41 -5.51
N GLN B 105 10.42 5.18 -5.15
CA GLN B 105 11.07 4.94 -3.87
C GLN B 105 12.39 5.64 -3.71
N ILE B 106 13.15 5.77 -4.77
CA ILE B 106 14.42 6.43 -4.62
C ILE B 106 14.15 7.89 -4.30
N ALA B 107 12.96 8.35 -4.62
CA ALA B 107 12.62 9.74 -4.36
C ALA B 107 12.36 10.03 -2.86
N MSE B 108 11.76 9.08 -2.15
CA MSE B 108 11.51 9.24 -0.73
C MSE B 108 12.84 9.08 0.04
O MSE B 108 13.04 9.62 1.13
CB MSE B 108 10.49 8.19 -0.29
CG MSE B 108 9.84 8.49 1.06
SE MSE B 108 9.05 10.26 1.06
CE MSE B 108 7.31 9.76 0.34
N LYS B 109 13.77 8.38 -0.58
CA LYS B 109 15.07 8.13 0.01
C LYS B 109 15.67 9.26 0.84
N PRO B 110 15.69 10.50 0.35
CA PRO B 110 16.30 11.57 1.16
C PRO B 110 15.51 11.97 2.40
N LEU B 111 14.20 11.99 2.29
CA LEU B 111 13.40 12.36 3.42
C LEU B 111 13.47 11.26 4.46
N GLU B 112 13.14 10.02 4.09
CA GLU B 112 13.18 8.88 5.02
C GLU B 112 14.56 8.77 5.69
N GLU B 113 15.60 9.02 4.92
CA GLU B 113 16.97 8.97 5.42
C GLU B 113 17.17 10.00 6.54
N LEU B 114 16.67 11.21 6.34
CA LEU B 114 16.82 12.28 7.31
C LEU B 114 16.02 11.97 8.57
N HIS B 115 14.76 11.55 8.37
CA HIS B 115 13.86 11.24 9.47
C HIS B 115 14.36 10.09 10.32
N ARG B 116 15.24 9.27 9.76
CA ARG B 116 15.79 8.17 10.51
C ARG B 116 17.14 8.56 11.09
N SER B 117 18.13 8.59 10.22
CA SER B 117 19.49 8.85 10.62
C SER B 117 19.88 10.23 11.22
N PHE B 118 19.07 11.27 11.12
CA PHE B 118 19.58 12.54 11.62
C PHE B 118 19.88 12.71 13.10
N MSE B 119 19.07 12.12 13.99
CA MSE B 119 19.32 12.28 15.43
C MSE B 119 20.16 11.13 16.08
O MSE B 119 21.40 11.30 16.16
CB MSE B 119 17.96 12.43 16.14
CG MSE B 119 16.93 13.31 15.40
SE MSE B 119 16.97 15.23 15.75
CE MSE B 119 15.11 15.63 15.62
N SER C 5 -22.81 -19.36 -1.24
CA SER C 5 -21.92 -18.41 -0.48
C SER C 5 -20.50 -19.00 -0.11
N GLU C 6 -19.46 -18.27 -0.47
CA GLU C 6 -18.09 -18.69 -0.20
C GLU C 6 -17.90 -18.64 1.31
N PRO C 7 -17.61 -19.79 1.92
CA PRO C 7 -17.43 -19.81 3.38
C PRO C 7 -16.68 -18.64 3.99
N LEU C 8 -15.54 -18.26 3.40
CA LEU C 8 -14.78 -17.17 3.95
C LEU C 8 -15.52 -15.86 3.95
N HIS C 9 -16.16 -15.53 2.82
CA HIS C 9 -16.95 -14.31 2.74
C HIS C 9 -17.91 -14.22 3.89
N ALA C 10 -18.67 -15.30 4.11
CA ALA C 10 -19.63 -15.35 5.18
C ALA C 10 -18.96 -15.15 6.53
N LEU C 11 -17.84 -15.84 6.75
CA LEU C 11 -17.18 -15.69 8.03
C LEU C 11 -16.83 -14.25 8.28
N ALA C 12 -16.42 -13.57 7.21
CA ALA C 12 -16.04 -12.18 7.26
C ALA C 12 -17.24 -11.25 7.53
N ARG C 13 -18.39 -11.53 6.93
CA ARG C 13 -19.54 -10.68 7.20
C ARG C 13 -19.85 -10.88 8.66
N GLN C 14 -19.65 -12.10 9.14
CA GLN C 14 -19.89 -12.46 10.53
C GLN C 14 -18.96 -11.57 11.34
N LEU C 15 -17.68 -11.56 10.98
CA LEU C 15 -16.72 -10.74 11.70
C LEU C 15 -17.18 -9.29 11.77
N GLU C 16 -17.67 -8.77 10.66
CA GLU C 16 -18.14 -7.41 10.61
C GLU C 16 -19.18 -7.15 11.69
N GLN C 17 -20.28 -7.87 11.63
CA GLN C 17 -21.34 -7.71 12.61
C GLN C 17 -20.90 -7.82 14.06
N ALA C 18 -19.93 -8.67 14.33
CA ALA C 18 -19.45 -8.83 15.69
C ALA C 18 -18.78 -7.55 16.10
N ILE C 19 -17.93 -7.01 15.22
CA ILE C 19 -17.26 -5.77 15.53
C ILE C 19 -18.30 -4.67 15.79
N ARG C 20 -19.29 -4.56 14.92
CA ARG C 20 -20.32 -3.55 15.12
C ARG C 20 -20.98 -3.67 16.50
N ALA C 21 -21.41 -4.86 16.84
CA ALA C 21 -22.05 -5.05 18.11
C ALA C 21 -21.08 -4.99 19.30
N SER C 22 -19.78 -5.09 19.04
CA SER C 22 -18.83 -5.05 20.15
C SER C 22 -18.96 -3.80 21.02
N GLU C 23 -18.28 -3.78 22.17
CA GLU C 23 -18.38 -2.62 23.06
C GLU C 23 -17.59 -1.41 22.58
N PRO C 24 -16.33 -1.62 22.15
CA PRO C 24 -15.49 -0.52 21.66
C PRO C 24 -16.04 0.20 20.46
N PHE C 25 -16.84 -0.48 19.65
CA PHE C 25 -17.40 0.20 18.50
C PHE C 25 -18.43 1.14 19.06
N GLN C 26 -19.33 0.61 19.88
CA GLN C 26 -20.35 1.43 20.51
C GLN C 26 -19.71 2.55 21.30
N GLN C 27 -18.57 2.32 21.95
CA GLN C 27 -17.94 3.43 22.66
C GLN C 27 -17.73 4.50 21.58
N LEU C 28 -17.08 4.09 20.48
CA LEU C 28 -16.80 4.99 19.36
C LEU C 28 -18.04 5.60 18.82
N LYS C 29 -19.03 4.80 18.46
CA LYS C 29 -20.27 5.36 17.95
C LYS C 29 -20.79 6.43 18.91
N ARG C 30 -20.83 6.16 20.20
CA ARG C 30 -21.30 7.17 21.14
C ARG C 30 -20.35 8.35 21.22
N ALA C 31 -19.05 8.12 21.06
CA ALA C 31 -18.10 9.23 21.11
C ALA C 31 -18.46 10.22 20.01
N TYR C 32 -18.71 9.71 18.80
CA TYR C 32 -19.12 10.53 17.65
C TYR C 32 -20.39 11.31 18.04
N GLU C 33 -21.39 10.57 18.53
CA GLU C 33 -22.67 11.15 18.96
C GLU C 33 -22.44 12.42 19.79
N ASP C 34 -21.45 12.36 20.69
CA ASP C 34 -21.12 13.50 21.54
C ASP C 34 -20.70 14.71 20.73
N VAL C 35 -19.48 14.65 20.24
CA VAL C 35 -18.91 15.72 19.46
C VAL C 35 -19.86 16.15 18.35
N ARG C 36 -20.90 15.37 18.10
CA ARG C 36 -21.84 15.74 17.05
C ARG C 36 -22.99 16.58 17.56
N ARG C 37 -23.27 16.44 18.85
CA ARG C 37 -24.36 17.15 19.46
C ARG C 37 -23.89 18.32 20.30
N ASP C 38 -22.58 18.52 20.41
CA ASP C 38 -22.04 19.64 21.18
C ASP C 38 -21.72 20.70 20.14
N GLU C 39 -22.54 21.73 20.02
CA GLU C 39 -22.28 22.73 19.02
C GLU C 39 -20.83 23.21 18.99
N THR C 40 -20.18 23.25 20.15
CA THR C 40 -18.78 23.70 20.23
C THR C 40 -17.79 22.73 19.58
N ALA C 41 -17.76 21.50 20.09
CA ALA C 41 -16.85 20.49 19.56
C ALA C 41 -17.22 20.10 18.13
N TYR C 42 -18.46 20.31 17.72
CA TYR C 42 -18.84 19.94 16.38
C TYR C 42 -18.27 20.88 15.34
N ARG C 43 -18.25 22.17 15.67
CA ARG C 43 -17.74 23.13 14.71
C ARG C 43 -16.27 22.85 14.45
N MSE C 44 -15.50 22.64 15.52
CA MSE C 44 -14.08 22.40 15.38
C MSE C 44 -13.83 21.12 14.62
O MSE C 44 -12.93 21.03 13.79
CB MSE C 44 -13.43 22.28 16.74
CG MSE C 44 -13.51 23.53 17.53
SE MSE C 44 -12.23 23.27 18.87
CE MSE C 44 -13.38 23.40 20.44
N PHE C 45 -14.65 20.13 14.95
CA PHE C 45 -14.56 18.82 14.34
C PHE C 45 -14.66 19.11 12.88
N ALA C 46 -15.82 19.63 12.49
CA ALA C 46 -16.14 19.98 11.11
C ALA C 46 -15.05 20.80 10.43
N ASN C 47 -14.67 21.90 11.07
CA ASN C 47 -13.63 22.78 10.58
C ASN C 47 -12.40 21.94 10.20
N VAL C 48 -11.98 21.06 11.10
CA VAL C 48 -10.85 20.19 10.87
C VAL C 48 -11.11 19.19 9.72
N ARG C 49 -12.35 18.78 9.55
CA ARG C 49 -12.64 17.85 8.47
C ARG C 49 -12.42 18.51 7.13
N ASP C 50 -13.05 19.65 6.93
CA ASP C 50 -12.94 20.32 5.66
C ASP C 50 -11.51 20.73 5.30
N ILE C 51 -10.79 21.36 6.22
CA ILE C 51 -9.42 21.78 5.92
C ILE C 51 -8.60 20.59 5.45
N GLN C 52 -8.81 19.47 6.12
CA GLN C 52 -8.12 18.22 5.84
C GLN C 52 -8.73 17.57 4.59
N LEU C 53 -10.02 17.84 4.36
CA LEU C 53 -10.74 17.30 3.21
C LEU C 53 -10.38 18.06 1.93
N ARG C 54 -10.03 19.33 2.07
CA ARG C 54 -9.65 20.12 0.91
C ARG C 54 -8.21 19.82 0.54
N LEU C 55 -7.32 19.79 1.54
CA LEU C 55 -5.92 19.49 1.27
C LEU C 55 -5.80 18.17 0.53
N HIS C 56 -6.65 17.21 0.87
CA HIS C 56 -6.61 15.91 0.22
C HIS C 56 -6.77 16.01 -1.28
N GLU C 57 -7.91 16.54 -1.71
CA GLU C 57 -8.22 16.70 -3.13
C GLU C 57 -7.26 17.65 -3.85
N LYS C 58 -6.56 18.48 -3.10
CA LYS C 58 -5.60 19.40 -3.71
C LYS C 58 -4.35 18.60 -4.03
N GLN C 59 -4.16 17.52 -3.28
CA GLN C 59 -3.01 16.66 -3.49
C GLN C 59 -3.33 15.71 -4.63
N MSE C 60 -4.58 15.32 -4.76
CA MSE C 60 -5.00 14.42 -5.83
C MSE C 60 -4.82 15.10 -7.19
O MSE C 60 -4.14 14.56 -8.07
CB MSE C 60 -6.45 13.97 -5.62
CG MSE C 60 -6.66 13.08 -4.40
SE MSE C 60 -5.51 11.48 -4.36
CE MSE C 60 -6.64 10.31 -5.39
N ARG C 61 -5.38 16.28 -7.37
CA ARG C 61 -5.20 16.98 -8.65
C ARG C 61 -3.82 17.64 -8.56
N GLY C 62 -3.03 17.14 -7.61
CA GLY C 62 -1.68 17.64 -7.38
C GLY C 62 -1.47 19.13 -7.55
N ALA C 63 -1.50 19.87 -6.44
CA ALA C 63 -1.28 21.30 -6.49
C ALA C 63 -0.39 21.72 -5.35
N ALA C 64 0.56 22.60 -5.63
CA ALA C 64 1.44 23.08 -4.59
C ALA C 64 0.60 23.43 -3.35
N ILE C 65 1.17 23.17 -2.17
CA ILE C 65 0.50 23.46 -0.90
C ILE C 65 1.50 24.18 0.00
N LEU C 66 1.42 25.51 0.05
CA LEU C 66 2.35 26.31 0.85
C LEU C 66 2.45 25.87 2.33
N PRO C 67 3.31 26.53 3.12
CA PRO C 67 3.47 26.19 4.54
C PRO C 67 2.20 26.44 5.31
N ASP C 68 1.79 27.70 5.31
CA ASP C 68 0.60 28.15 6.00
C ASP C 68 -0.53 27.12 5.95
N GLU C 69 -0.81 26.61 4.75
CA GLU C 69 -1.87 25.62 4.59
C GLU C 69 -1.73 24.48 5.57
N ILE C 70 -0.49 24.11 5.84
CA ILE C 70 -0.20 23.03 6.74
C ILE C 70 -0.13 23.46 8.19
N GLU C 71 0.32 24.68 8.44
CA GLU C 71 0.41 25.22 9.80
C GLU C 71 -1.02 25.50 10.25
N GLN C 72 -1.82 26.01 9.32
CA GLN C 72 -3.21 26.29 9.58
C GLN C 72 -3.83 24.98 10.03
N ALA C 73 -3.61 23.95 9.23
CA ALA C 73 -4.14 22.62 9.49
C ALA C 73 -3.54 22.04 10.78
N GLN C 74 -2.21 22.13 10.87
CA GLN C 74 -1.49 21.64 12.01
C GLN C 74 -2.07 22.28 13.28
N LYS C 75 -2.35 23.59 13.19
CA LYS C 75 -2.88 24.38 14.31
C LYS C 75 -4.35 24.07 14.57
N ALA C 76 -5.13 24.08 13.50
CA ALA C 76 -6.53 23.80 13.63
C ALA C 76 -6.67 22.43 14.28
N MSE C 77 -5.72 21.53 14.00
CA MSE C 77 -5.77 20.21 14.62
C MSE C 77 -5.52 20.28 16.11
O MSE C 77 -6.27 19.69 16.90
CB MSE C 77 -4.74 19.27 13.98
CG MSE C 77 -4.65 17.90 14.64
SE MSE C 77 -6.34 16.93 14.64
CE MSE C 77 -5.75 15.13 15.13
N ALA C 78 -4.48 21.02 16.51
CA ALA C 78 -4.08 21.21 17.90
C ALA C 78 -5.21 21.72 18.78
N LEU C 79 -5.93 22.71 18.30
CA LEU C 79 -7.05 23.25 19.05
C LEU C 79 -8.13 22.21 19.22
N ALA C 80 -8.26 21.30 18.26
CA ALA C 80 -9.27 20.26 18.36
C ALA C 80 -8.83 19.30 19.45
N GLN C 81 -7.53 19.09 19.57
CA GLN C 81 -7.01 18.20 20.59
C GLN C 81 -7.22 18.82 21.96
N GLN C 82 -7.22 20.15 22.00
CA GLN C 82 -7.41 20.91 23.23
C GLN C 82 -8.85 20.74 23.71
N ASN C 83 -9.72 20.25 22.83
CA ASN C 83 -11.11 20.04 23.18
C ASN C 83 -11.26 18.68 23.87
N GLU C 84 -12.28 18.53 24.71
CA GLU C 84 -12.46 17.27 25.40
C GLU C 84 -13.23 16.27 24.58
N LYS C 85 -14.46 16.60 24.21
CA LYS C 85 -15.29 15.70 23.40
C LYS C 85 -14.47 15.17 22.22
N LEU C 86 -13.94 16.10 21.43
CA LEU C 86 -13.14 15.78 20.26
C LEU C 86 -11.98 14.85 20.53
N ALA C 87 -11.30 15.03 21.65
CA ALA C 87 -10.18 14.17 22.00
C ALA C 87 -10.67 12.75 22.20
N ARG C 88 -11.58 12.57 23.13
CA ARG C 88 -12.11 11.24 23.37
C ARG C 88 -12.31 10.60 21.99
N LEU C 89 -13.09 11.26 21.15
CA LEU C 89 -13.36 10.76 19.84
C LEU C 89 -12.07 10.46 19.09
N MSE C 90 -11.29 11.51 18.83
CA MSE C 90 -10.03 11.39 18.12
C MSE C 90 -9.19 10.20 18.58
O MSE C 90 -8.39 9.66 17.82
CB MSE C 90 -9.22 12.68 18.29
CG MSE C 90 -8.85 13.38 17.00
SE MSE C 90 -8.58 15.26 17.32
CE MSE C 90 -10.30 15.86 16.68
N ALA C 91 -9.35 9.78 19.82
CA ALA C 91 -8.58 8.66 20.31
C ALA C 91 -9.33 7.38 19.99
N LEU C 92 -10.46 7.12 20.66
CA LEU C 92 -11.21 5.91 20.36
C LEU C 92 -11.08 5.64 18.85
N GLU C 93 -11.33 6.68 18.07
CA GLU C 93 -11.26 6.62 16.62
C GLU C 93 -9.96 6.00 16.12
N GLN C 94 -8.84 6.42 16.68
CA GLN C 94 -7.55 5.89 16.24
C GLN C 94 -7.25 4.51 16.77
N GLN C 95 -7.63 4.23 18.00
CA GLN C 95 -7.36 2.93 18.54
C GLN C 95 -8.17 1.89 17.75
N MSE C 96 -9.45 2.19 17.51
CA MSE C 96 -10.33 1.28 16.78
C MSE C 96 -9.65 0.85 15.51
O MSE C 96 -9.63 -0.32 15.17
CB MSE C 96 -11.65 1.96 16.41
CG MSE C 96 -12.67 1.06 15.72
SE MSE C 96 -13.41 -0.34 16.89
CE MSE C 96 -13.13 -1.80 15.71
N SER C 97 -9.08 1.84 14.82
CA SER C 97 -8.41 1.62 13.54
C SER C 97 -7.14 0.79 13.60
N ILE C 98 -6.45 0.79 14.74
CA ILE C 98 -5.26 -0.04 14.82
C ILE C 98 -5.71 -1.41 15.28
N THR C 99 -6.76 -1.46 16.08
CA THR C 99 -7.26 -2.77 16.48
C THR C 99 -7.62 -3.49 15.19
N ILE C 100 -8.48 -2.88 14.39
CA ILE C 100 -8.88 -3.49 13.16
C ILE C 100 -7.70 -3.90 12.30
N ALA C 101 -6.79 -2.97 12.04
CA ALA C 101 -5.61 -3.31 11.23
C ALA C 101 -5.05 -4.61 11.74
N GLU C 102 -4.98 -4.74 13.06
CA GLU C 102 -4.48 -5.93 13.70
C GLU C 102 -5.30 -7.19 13.42
N VAL C 103 -6.62 -7.02 13.34
CA VAL C 103 -7.52 -8.13 13.08
C VAL C 103 -7.26 -8.64 11.69
N GLN C 104 -7.23 -7.72 10.73
CA GLN C 104 -7.01 -8.15 9.36
C GLN C 104 -5.65 -8.81 9.20
N GLN C 105 -4.70 -8.45 10.04
CA GLN C 105 -3.36 -9.05 10.00
C GLN C 105 -3.48 -10.53 10.42
N ILE C 106 -4.33 -10.81 11.39
CA ILE C 106 -4.48 -12.16 11.84
C ILE C 106 -5.14 -12.95 10.74
N ALA C 107 -6.07 -12.32 10.04
CA ALA C 107 -6.73 -13.01 8.96
C ALA C 107 -5.71 -13.44 7.93
N MSE C 108 -4.59 -12.75 7.88
CA MSE C 108 -3.57 -13.09 6.90
C MSE C 108 -2.58 -14.19 7.33
O MSE C 108 -1.79 -14.65 6.50
CB MSE C 108 -2.75 -11.85 6.53
CG MSE C 108 -2.90 -11.42 5.11
SE MSE C 108 -2.37 -12.80 3.91
CE MSE C 108 -0.58 -12.13 3.56
N LYS C 109 -2.62 -14.63 8.59
CA LYS C 109 -1.66 -15.64 9.03
C LYS C 109 -1.73 -16.99 8.32
N PRO C 110 -2.91 -17.62 8.30
CA PRO C 110 -2.94 -18.91 7.63
C PRO C 110 -2.21 -18.90 6.30
N LEU C 111 -2.46 -17.86 5.49
CA LEU C 111 -1.81 -17.75 4.18
C LEU C 111 -0.37 -17.28 4.30
N GLU C 112 -0.10 -16.47 5.32
CA GLU C 112 1.24 -15.97 5.59
C GLU C 112 2.10 -17.16 6.01
N GLU C 113 1.50 -18.03 6.82
CA GLU C 113 2.18 -19.22 7.34
C GLU C 113 2.50 -20.17 6.22
N LEU C 114 1.53 -20.37 5.32
CA LEU C 114 1.75 -21.27 4.19
C LEU C 114 2.78 -20.67 3.22
N HIS C 115 2.71 -19.36 3.00
CA HIS C 115 3.63 -18.72 2.11
C HIS C 115 5.01 -19.02 2.57
N ARG C 116 5.21 -19.01 3.88
CA ARG C 116 6.53 -19.30 4.47
C ARG C 116 7.02 -20.70 4.05
N SER C 117 6.13 -21.68 4.15
CA SER C 117 6.46 -23.03 3.79
C SER C 117 6.86 -23.15 2.33
N PHE C 118 6.36 -22.28 1.49
CA PHE C 118 6.76 -22.33 0.08
C PHE C 118 8.27 -22.14 0.00
N MSE C 119 8.89 -21.62 1.06
CA MSE C 119 10.34 -21.42 1.08
C MSE C 119 11.08 -22.71 1.45
O MSE C 119 12.31 -22.71 1.57
CB MSE C 119 10.76 -20.32 2.07
CG MSE C 119 10.17 -18.94 1.82
SE MSE C 119 10.31 -18.33 0.00
CE MSE C 119 8.51 -18.74 -0.49
N GLU C 120 10.33 -23.79 1.64
CA GLU C 120 10.89 -25.10 2.00
C GLU C 120 11.90 -25.62 0.98
N GLY C 121 11.42 -26.01 -0.20
CA GLY C 121 12.31 -26.52 -1.23
C GLY C 121 13.59 -27.15 -0.73
N MSE D 4 23.59 -1.45 -14.47
CA MSE D 4 24.45 -0.23 -14.40
C MSE D 4 24.14 0.82 -15.46
O MSE D 4 24.37 2.03 -15.26
CB MSE D 4 25.94 -0.61 -14.49
CG MSE D 4 26.79 0.50 -15.13
SE MSE D 4 28.66 0.54 -14.65
CE MSE D 4 28.56 1.79 -13.18
N SER D 5 23.61 0.40 -16.59
CA SER D 5 23.30 1.36 -17.64
C SER D 5 21.87 1.89 -17.73
N GLU D 6 20.87 1.14 -17.27
CA GLU D 6 19.48 1.60 -17.32
C GLU D 6 19.47 3.10 -17.11
N PRO D 7 18.77 3.85 -17.98
CA PRO D 7 18.66 5.32 -17.94
C PRO D 7 17.76 5.84 -16.83
N LEU D 8 16.65 5.14 -16.62
CA LEU D 8 15.69 5.55 -15.61
C LEU D 8 16.35 5.48 -14.28
N HIS D 9 17.20 4.48 -14.11
CA HIS D 9 17.92 4.32 -12.87
C HIS D 9 18.74 5.56 -12.61
N ALA D 10 19.63 5.86 -13.55
CA ALA D 10 20.50 7.03 -13.48
C ALA D 10 19.67 8.28 -13.27
N LEU D 11 18.57 8.35 -14.00
CA LEU D 11 17.72 9.50 -13.88
C LEU D 11 17.25 9.63 -12.46
N ALA D 12 16.89 8.50 -11.85
CA ALA D 12 16.45 8.50 -10.46
C ALA D 12 17.56 9.03 -9.53
N ARG D 13 18.77 8.50 -9.67
CA ARG D 13 19.88 8.96 -8.85
C ARG D 13 19.93 10.49 -8.95
N GLN D 14 19.80 11.02 -10.17
CA GLN D 14 19.85 12.47 -10.36
C GLN D 14 18.78 13.15 -9.51
N LEU D 15 17.57 12.62 -9.56
CA LEU D 15 16.47 13.20 -8.82
C LEU D 15 16.79 13.23 -7.36
N GLU D 16 17.24 12.09 -6.84
CA GLU D 16 17.60 12.01 -5.42
C GLU D 16 18.45 13.22 -5.04
N GLN D 17 19.52 13.44 -5.78
CA GLN D 17 20.38 14.57 -5.50
C GLN D 17 19.71 15.90 -5.70
N ALA D 18 18.77 15.98 -6.64
CA ALA D 18 18.11 17.25 -6.88
C ALA D 18 17.27 17.64 -5.67
N ILE D 19 16.43 16.71 -5.21
CA ILE D 19 15.59 16.95 -4.04
C ILE D 19 16.52 17.26 -2.89
N ARG D 20 17.51 16.41 -2.72
CA ARG D 20 18.46 16.62 -1.66
C ARG D 20 19.06 18.04 -1.68
N ALA D 21 19.43 18.58 -2.83
CA ALA D 21 19.99 19.90 -2.80
C ALA D 21 19.02 21.05 -2.98
N SER D 22 17.75 20.74 -3.25
CA SER D 22 16.75 21.79 -3.42
C SER D 22 16.60 22.72 -2.22
N GLU D 23 16.12 23.93 -2.46
CA GLU D 23 15.90 24.93 -1.43
C GLU D 23 14.98 24.48 -0.33
N PRO D 24 13.85 23.86 -0.67
CA PRO D 24 12.98 23.44 0.41
C PRO D 24 13.51 22.29 1.29
N PHE D 25 14.45 21.50 0.76
CA PHE D 25 14.97 20.39 1.55
C PHE D 25 15.91 20.94 2.58
N GLN D 26 16.72 21.90 2.15
CA GLN D 26 17.65 22.51 3.06
C GLN D 26 16.88 23.21 4.18
N GLN D 27 15.68 23.71 3.90
CA GLN D 27 14.96 24.35 4.97
C GLN D 27 14.58 23.29 5.99
N LEU D 28 14.08 22.14 5.52
CA LEU D 28 13.68 21.06 6.42
C LEU D 28 14.83 20.70 7.30
N LYS D 29 15.90 20.26 6.68
CA LYS D 29 17.10 19.92 7.38
C LYS D 29 17.48 21.00 8.39
N ARG D 30 17.31 22.26 8.06
CA ARG D 30 17.67 23.28 9.03
C ARG D 30 16.68 23.23 10.17
N ALA D 31 15.42 22.93 9.91
CA ALA D 31 14.48 22.83 11.02
C ALA D 31 14.91 21.68 11.91
N TYR D 32 15.39 20.60 11.28
CA TYR D 32 15.87 19.42 11.98
C TYR D 32 17.02 19.83 12.89
N GLU D 33 17.98 20.54 12.33
CA GLU D 33 19.14 21.00 13.09
C GLU D 33 18.74 21.85 14.32
N ASP D 34 17.71 22.69 14.17
CA ASP D 34 17.26 23.51 15.28
C ASP D 34 16.98 22.60 16.46
N VAL D 35 15.96 21.76 16.30
CA VAL D 35 15.56 20.81 17.30
C VAL D 35 16.74 19.97 17.80
N ARG D 36 17.40 19.24 16.91
CA ARG D 36 18.53 18.40 17.30
C ARG D 36 19.51 19.13 18.22
N ARG D 37 19.71 20.42 18.01
CA ARG D 37 20.65 21.13 18.87
C ARG D 37 20.03 21.60 20.16
N ASP D 38 18.73 21.84 20.16
CA ASP D 38 18.09 22.31 21.37
C ASP D 38 17.52 21.16 22.22
N GLU D 39 18.20 20.89 23.34
CA GLU D 39 17.87 19.83 24.31
C GLU D 39 16.42 19.48 24.49
N THR D 40 15.61 20.44 24.93
CA THR D 40 14.18 20.20 25.17
C THR D 40 13.36 19.65 23.96
N ALA D 41 13.40 20.37 22.85
CA ALA D 41 12.66 19.94 21.67
C ALA D 41 13.15 18.57 21.37
N TYR D 42 14.47 18.42 21.32
CA TYR D 42 15.07 17.15 21.02
C TYR D 42 14.48 16.09 21.91
N ARG D 43 14.33 16.43 23.19
CA ARG D 43 13.79 15.48 24.13
C ARG D 43 12.45 15.02 23.60
N MSE D 44 11.45 15.90 23.61
CA MSE D 44 10.11 15.54 23.13
C MSE D 44 10.13 14.78 21.82
O MSE D 44 9.40 13.78 21.64
CB MSE D 44 9.28 16.77 22.92
CG MSE D 44 9.73 17.92 23.73
SE MSE D 44 8.21 18.95 23.94
CE MSE D 44 7.38 17.78 25.25
N PHE D 45 10.94 15.26 20.89
CA PHE D 45 11.04 14.61 19.61
C PHE D 45 11.26 13.14 19.81
N ALA D 46 12.27 12.80 20.60
CA ALA D 46 12.59 11.39 20.85
C ALA D 46 11.52 10.63 21.62
N ASN D 47 10.79 11.32 22.50
CA ASN D 47 9.74 10.65 23.25
C ASN D 47 8.75 10.14 22.22
N VAL D 48 8.06 11.08 21.57
CA VAL D 48 7.10 10.73 20.53
C VAL D 48 7.62 9.64 19.58
N ARG D 49 8.91 9.69 19.25
CA ARG D 49 9.50 8.66 18.39
C ARG D 49 9.38 7.35 19.14
N ASP D 50 10.01 7.29 20.31
CA ASP D 50 10.01 6.10 21.15
C ASP D 50 8.60 5.61 21.34
N ILE D 51 7.71 6.55 21.69
CA ILE D 51 6.31 6.22 21.89
C ILE D 51 5.79 5.52 20.63
N GLN D 52 5.69 6.28 19.54
CA GLN D 52 5.23 5.73 18.28
C GLN D 52 5.98 4.46 17.90
N LEU D 53 7.29 4.44 18.11
CA LEU D 53 8.09 3.25 17.81
C LEU D 53 7.58 2.05 18.61
N ARG D 54 7.27 2.28 19.89
CA ARG D 54 6.77 1.20 20.74
C ARG D 54 5.47 0.70 20.15
N LEU D 55 4.53 1.61 19.94
CA LEU D 55 3.25 1.23 19.36
C LEU D 55 3.47 0.39 18.11
N HIS D 56 4.25 0.92 17.16
CA HIS D 56 4.49 0.17 15.94
C HIS D 56 4.94 -1.23 16.32
N GLU D 57 5.96 -1.30 17.17
CA GLU D 57 6.50 -2.58 17.61
C GLU D 57 5.34 -3.49 18.03
N LYS D 58 4.50 -2.99 18.93
CA LYS D 58 3.36 -3.75 19.43
C LYS D 58 2.38 -4.22 18.36
N GLN D 59 1.80 -3.28 17.63
CA GLN D 59 0.85 -3.61 16.57
C GLN D 59 1.48 -4.61 15.59
N MSE D 60 2.71 -4.36 15.18
CA MSE D 60 3.41 -5.23 14.24
C MSE D 60 3.58 -6.62 14.85
O MSE D 60 3.64 -7.61 14.14
CB MSE D 60 4.76 -4.64 13.83
CG MSE D 60 5.22 -5.11 12.46
SE MSE D 60 3.81 -4.97 11.10
CE MSE D 60 4.59 -3.61 9.97
N ARG D 61 3.65 -6.69 16.18
CA ARG D 61 3.81 -7.97 16.86
C ARG D 61 2.42 -8.55 17.10
N GLY D 62 1.40 -7.73 16.87
CA GLY D 62 0.02 -8.15 17.04
C GLY D 62 -0.55 -8.08 18.46
N ALA D 63 0.09 -7.32 19.35
CA ALA D 63 -0.34 -7.20 20.75
C ALA D 63 -1.41 -6.16 21.03
N ALA D 64 -2.07 -6.30 22.16
CA ALA D 64 -3.12 -5.38 22.55
C ALA D 64 -2.63 -3.96 22.78
N ILE D 65 -3.46 -2.99 22.40
CA ILE D 65 -3.11 -1.60 22.58
C ILE D 65 -4.26 -0.77 23.16
N LEU D 66 -4.47 -0.93 24.46
CA LEU D 66 -5.51 -0.20 25.17
C LEU D 66 -5.21 1.29 25.07
N PRO D 67 -6.25 2.15 25.16
CA PRO D 67 -6.06 3.60 25.07
C PRO D 67 -5.08 4.14 26.12
N ASP D 68 -4.70 3.33 27.10
CA ASP D 68 -3.74 3.78 28.11
C ASP D 68 -2.41 4.07 27.41
N GLU D 69 -2.37 3.81 26.11
CA GLU D 69 -1.19 4.02 25.28
C GLU D 69 -1.49 4.99 24.15
N ILE D 70 -2.46 4.66 23.31
CA ILE D 70 -2.82 5.54 22.21
C ILE D 70 -3.36 6.84 22.80
N GLU D 71 -3.56 6.84 24.11
CA GLU D 71 -4.04 8.05 24.76
C GLU D 71 -2.89 9.01 24.91
N GLN D 72 -1.96 8.65 25.78
CA GLN D 72 -0.82 9.50 26.02
C GLN D 72 -0.11 9.81 24.70
N ALA D 73 0.24 8.78 23.93
CA ALA D 73 0.89 9.02 22.66
C ALA D 73 0.20 10.23 21.97
N GLN D 74 -1.12 10.32 22.08
CA GLN D 74 -1.87 11.42 21.47
C GLN D 74 -1.68 12.75 22.23
N LYS D 75 -1.14 12.62 23.44
CA LYS D 75 -0.82 13.77 24.29
C LYS D 75 0.61 14.10 23.88
N ALA D 76 1.47 13.10 23.98
CA ALA D 76 2.88 13.23 23.64
C ALA D 76 3.04 14.15 22.45
N MSE D 77 2.24 13.87 21.43
CA MSE D 77 2.24 14.65 20.22
C MSE D 77 1.74 16.05 20.52
O MSE D 77 2.14 17.02 19.88
CB MSE D 77 1.31 13.97 19.21
CG MSE D 77 1.33 14.52 17.79
SE MSE D 77 2.95 14.09 16.89
CE MSE D 77 3.02 15.68 15.84
N ALA D 78 0.88 16.14 21.50
CA ALA D 78 0.31 17.42 21.87
C ALA D 78 1.33 18.48 22.31
N LEU D 79 1.91 18.33 23.49
CA LEU D 79 2.85 19.33 23.93
C LEU D 79 4.16 19.27 23.16
N ALA D 80 4.03 18.77 21.93
CA ALA D 80 5.13 18.67 20.97
C ALA D 80 4.68 19.54 19.82
N GLN D 81 3.40 19.40 19.48
CA GLN D 81 2.77 20.17 18.43
C GLN D 81 2.91 21.61 18.91
N GLN D 82 3.19 21.75 20.20
CA GLN D 82 3.33 23.08 20.79
C GLN D 82 4.70 23.73 20.64
N ASN D 83 5.74 23.03 21.09
CA ASN D 83 7.11 23.54 21.01
C ASN D 83 7.35 24.11 19.62
N GLU D 84 7.53 25.43 19.56
CA GLU D 84 7.73 26.10 18.28
C GLU D 84 8.71 25.37 17.36
N LYS D 85 9.90 25.12 17.88
CA LYS D 85 10.93 24.44 17.11
C LYS D 85 10.43 23.09 16.56
N LEU D 86 9.92 22.25 17.45
CA LEU D 86 9.44 20.98 17.00
C LEU D 86 8.21 21.12 16.07
N ALA D 87 7.39 22.15 16.27
CA ALA D 87 6.21 22.29 15.42
C ALA D 87 6.66 22.52 13.98
N ARG D 88 7.52 23.51 13.79
CA ARG D 88 8.04 23.87 12.48
C ARG D 88 8.58 22.65 11.73
N LEU D 89 9.39 21.83 12.42
CA LEU D 89 9.94 20.63 11.83
C LEU D 89 8.73 19.83 11.34
N MSE D 90 7.86 19.44 12.26
CA MSE D 90 6.69 18.68 11.85
C MSE D 90 5.99 19.29 10.66
O MSE D 90 5.63 18.59 9.72
CB MSE D 90 5.75 18.48 13.05
CG MSE D 90 6.09 17.23 13.87
SE MSE D 90 5.70 17.36 15.73
CE MSE D 90 4.30 18.67 15.71
N ALA D 91 5.81 20.60 10.70
CA ALA D 91 5.17 21.29 9.59
C ALA D 91 5.99 21.02 8.32
N LEU D 92 7.18 21.62 8.21
CA LEU D 92 8.05 21.41 7.07
C LEU D 92 8.20 19.97 6.62
N GLU D 93 8.24 19.05 7.58
CA GLU D 93 8.37 17.62 7.32
C GLU D 93 7.25 17.13 6.41
N GLN D 94 6.03 17.50 6.78
CA GLN D 94 4.86 17.08 6.03
C GLN D 94 4.81 17.78 4.67
N GLN D 95 5.18 19.05 4.63
CA GLN D 95 5.19 19.77 3.37
C GLN D 95 6.01 18.89 2.44
N MSE D 96 7.19 18.44 2.89
CA MSE D 96 8.03 17.59 2.06
C MSE D 96 7.45 16.25 1.75
O MSE D 96 7.56 15.79 0.62
CB MSE D 96 9.39 17.38 2.69
CG MSE D 96 10.42 18.37 2.22
SE MSE D 96 11.03 18.07 0.48
CE MSE D 96 12.49 19.20 0.67
N SER D 97 6.86 15.60 2.75
CA SER D 97 6.29 14.29 2.51
C SER D 97 5.38 14.40 1.30
N ILE D 98 4.45 15.36 1.40
CA ILE D 98 3.45 15.66 0.38
C ILE D 98 4.05 16.13 -0.95
N THR D 99 5.02 17.03 -0.90
CA THR D 99 5.61 17.51 -2.11
C THR D 99 6.17 16.33 -2.91
N ILE D 100 7.01 15.51 -2.28
CA ILE D 100 7.61 14.40 -3.00
C ILE D 100 6.53 13.40 -3.41
N ALA D 101 5.51 13.26 -2.59
CA ALA D 101 4.45 12.32 -2.93
C ALA D 101 3.84 12.67 -4.27
N GLU D 102 3.73 13.99 -4.52
CA GLU D 102 3.17 14.53 -5.76
C GLU D 102 4.16 14.25 -6.86
N VAL D 103 5.45 14.37 -6.56
CA VAL D 103 6.49 14.11 -7.55
C VAL D 103 6.43 12.67 -7.99
N GLN D 104 6.15 11.78 -7.05
CA GLN D 104 6.08 10.37 -7.35
C GLN D 104 4.94 10.14 -8.33
N GLN D 105 3.91 10.96 -8.21
CA GLN D 105 2.75 10.85 -9.08
C GLN D 105 3.08 11.24 -10.52
N ILE D 106 3.75 12.37 -10.68
CA ILE D 106 4.08 12.84 -11.99
C ILE D 106 4.91 11.85 -12.74
N ALA D 107 5.77 11.15 -12.02
CA ALA D 107 6.61 10.19 -12.69
C ALA D 107 5.72 9.10 -13.27
N MSE D 108 4.70 8.70 -12.53
CA MSE D 108 3.80 7.68 -13.02
C MSE D 108 3.09 8.08 -14.32
O MSE D 108 2.82 7.24 -15.16
CB MSE D 108 2.74 7.34 -11.96
CG MSE D 108 2.89 5.97 -11.31
SE MSE D 108 3.29 4.56 -12.56
CE MSE D 108 4.01 3.21 -11.35
N LYS D 109 2.80 9.36 -14.48
CA LYS D 109 2.09 9.90 -15.66
C LYS D 109 2.18 9.12 -17.02
N PRO D 110 3.38 9.06 -17.63
CA PRO D 110 3.56 8.37 -18.90
C PRO D 110 2.96 6.97 -18.98
N LEU D 111 3.26 6.14 -17.99
CA LEU D 111 2.71 4.79 -18.01
C LEU D 111 1.22 4.79 -17.81
N GLU D 112 0.73 5.78 -17.07
CA GLU D 112 -0.70 5.89 -16.79
C GLU D 112 -1.48 6.39 -18.01
N GLU D 113 -0.83 7.21 -18.83
CA GLU D 113 -1.45 7.74 -20.04
C GLU D 113 -1.52 6.60 -21.03
N LEU D 114 -0.48 5.76 -21.00
CA LEU D 114 -0.41 4.61 -21.88
C LEU D 114 -1.38 3.53 -21.44
N HIS D 115 -1.56 3.37 -20.14
CA HIS D 115 -2.51 2.39 -19.66
C HIS D 115 -3.87 2.89 -20.16
N ARG D 116 -4.00 4.21 -20.21
CA ARG D 116 -5.22 4.86 -20.67
C ARG D 116 -5.52 4.33 -22.05
N SER D 117 -4.54 4.37 -22.93
CA SER D 117 -4.76 3.87 -24.26
C SER D 117 -5.16 2.39 -24.20
N PHE D 118 -4.26 1.55 -23.66
CA PHE D 118 -4.43 0.10 -23.50
C PHE D 118 -5.90 -0.36 -23.47
N MSE D 119 -6.77 0.45 -22.88
CA MSE D 119 -8.19 0.12 -22.86
C MSE D 119 -8.78 0.56 -24.23
O MSE D 119 -9.40 1.64 -24.31
CB MSE D 119 -8.88 0.88 -21.73
CG MSE D 119 -8.14 0.87 -20.42
SE MSE D 119 -8.27 -0.81 -19.58
CE MSE D 119 -6.40 -1.15 -19.24
#